data_2FQQ
#
_entry.id   2FQQ
#
_cell.length_a   71.044
_cell.length_b   71.044
_cell.length_c   117.761
_cell.angle_alpha   90.00
_cell.angle_beta   90.00
_cell.angle_gamma   120.00
#
_symmetry.space_group_name_H-M   'P 32 2 1'
#
loop_
_entity.id
_entity.type
_entity.pdbx_description
1 polymer Caspase-1
2 polymer Caspase-1
3 non-polymer '1-METHYL-3-TRIFLUOROMETHYL-1H-THIENO[2,3-C]PYRAZOLE-5-CARBOXYLIC ACID (2-MERCAPTO-ETHYL)-AMIDE'
4 water water
#
loop_
_entity_poly.entity_id
_entity_poly.type
_entity_poly.pdbx_seq_one_letter_code
_entity_poly.pdbx_strand_id
1 'polypeptide(L)'
;NPAMPTSSGSEGNVKLCSLEEAQRIWKQKSAEIYPIMDKSSRTRLALIICNEEFDSIPRRTGAEVDITGMTMLLQNLGYS
VDVKKNLTASDMTTELEAFAHRPEHKTSDSTFLVFMSHGIREGICGKKHSEQVPDILQLNAIFNMLNTKNCPSLKDKPKV
IIIQAARGDSPGVVWFKD
;
A
2 'polypeptide(L)'
;AIKKAHIEKDFIAFCSSTPDNVSWRHPTMGSVFIGRLIEHMQEYAASADVEEIFRKVRFSFEQPDGRAQMPTTERVTLTR
AFYLFPGH
;
B
#
loop_
_chem_comp.id
_chem_comp.type
_chem_comp.name
_chem_comp.formula
F1G non-polymer '1-METHYL-3-TRIFLUOROMETHYL-1H-THIENO[2,3-C]PYRAZOLE-5-CARBOXYLIC ACID (2-MERCAPTO-ETHYL)-AMIDE' 'C10 H10 F3 N3 O S2'
#
# COMPACT_ATOMS: atom_id res chain seq x y z
N GLU A 32 6.93 0.46 24.44
CA GLU A 32 5.84 1.09 23.62
C GLU A 32 6.01 0.76 22.14
N ILE A 33 6.44 -0.48 21.87
CA ILE A 33 6.68 -0.97 20.52
C ILE A 33 5.78 -2.19 20.27
N TYR A 34 5.28 -2.32 19.04
CA TYR A 34 4.47 -3.47 18.64
C TYR A 34 5.24 -4.78 18.80
N PRO A 35 4.67 -5.73 19.56
CA PRO A 35 5.31 -7.03 19.80
C PRO A 35 5.45 -7.88 18.54
N ILE A 36 6.70 -8.17 18.16
CA ILE A 36 6.99 -8.97 16.98
C ILE A 36 6.98 -10.47 17.30
N MET A 37 6.57 -11.27 16.31
CA MET A 37 6.48 -12.71 16.48
C MET A 37 7.79 -13.40 16.10
N ASP A 38 8.08 -14.51 16.77
CA ASP A 38 9.30 -15.28 16.56
C ASP A 38 9.36 -15.86 15.14
N LYS A 39 10.51 -15.72 14.50
CA LYS A 39 10.70 -16.13 13.10
C LYS A 39 10.51 -17.63 12.87
N SER A 40 10.85 -18.43 13.87
CA SER A 40 10.77 -19.90 13.78
C SER A 40 9.33 -20.40 13.58
N SER A 41 8.37 -19.73 14.21
CA SER A 41 6.98 -20.13 14.13
C SER A 41 6.03 -18.94 13.90
N ARG A 42 6.14 -18.34 12.71
CA ARG A 42 5.24 -17.26 12.30
C ARG A 42 4.83 -17.40 10.83
N THR A 43 3.66 -16.85 10.50
CA THR A 43 3.13 -16.90 9.14
C THR A 43 2.69 -15.52 8.66
N ARG A 44 3.68 -14.66 8.41
CA ARG A 44 3.42 -13.32 7.87
C ARG A 44 2.89 -13.41 6.44
N LEU A 45 1.86 -12.60 6.16
CA LEU A 45 1.17 -12.65 4.88
C LEU A 45 0.92 -11.25 4.33
N ALA A 46 1.21 -11.08 3.04
CA ALA A 46 1.01 -9.80 2.36
C ALA A 46 0.28 -9.99 1.02
N LEU A 47 -0.44 -8.97 0.60
CA LEU A 47 -1.21 -9.02 -0.65
C LEU A 47 -0.92 -7.81 -1.53
N ILE A 48 -0.61 -8.08 -2.80
CA ILE A 48 -0.39 -7.03 -3.79
C ILE A 48 -1.40 -7.18 -4.93
N ILE A 49 -2.24 -6.17 -5.11
CA ILE A 49 -3.19 -6.13 -6.20
C ILE A 49 -2.79 -5.03 -7.18
N CYS A 50 -2.37 -5.43 -8.37
CA CYS A 50 -1.90 -4.50 -9.39
C CYS A 50 -2.73 -4.57 -10.66
N ASN A 51 -3.03 -3.41 -11.22
CA ASN A 51 -3.77 -3.31 -12.48
C ASN A 51 -2.96 -2.54 -13.53
N GLU A 52 -2.64 -3.22 -14.63
CA GLU A 52 -1.89 -2.60 -15.72
C GLU A 52 -2.63 -2.63 -17.05
N GLU A 53 -3.36 -3.72 -17.31
CA GLU A 53 -4.13 -3.87 -18.53
C GLU A 53 -5.59 -3.44 -18.29
N PHE A 54 -6.09 -2.57 -19.15
CA PHE A 54 -7.43 -2.01 -19.00
C PHE A 54 -8.26 -2.09 -20.28
N ASP A 55 -9.56 -1.84 -20.16
CA ASP A 55 -10.49 -1.92 -21.28
C ASP A 55 -10.65 -0.60 -22.02
N SER A 56 -10.65 0.50 -21.27
CA SER A 56 -10.85 1.84 -21.85
C SER A 56 -9.76 2.82 -21.46
N ILE A 57 -9.46 2.91 -20.15
CA ILE A 57 -8.45 3.82 -19.62
C ILE A 57 -7.03 3.38 -19.99
N PRO A 58 -6.08 4.36 -20.11
CA PRO A 58 -4.71 4.10 -20.56
C PRO A 58 -3.98 2.98 -19.83
N ARG A 59 -3.11 2.29 -20.56
CA ARG A 59 -2.29 1.20 -20.03
C ARG A 59 -1.23 1.71 -19.04
N ARG A 60 -1.04 0.97 -17.96
CA ARG A 60 -0.01 1.29 -16.98
C ARG A 60 1.25 0.46 -17.21
N THR A 61 2.02 0.85 -18.23
CA THR A 61 3.26 0.15 -18.59
C THR A 61 4.38 0.49 -17.61
N GLY A 62 5.21 -0.51 -17.31
CA GLY A 62 6.28 -0.36 -16.33
C GLY A 62 5.82 -0.74 -14.93
N ALA A 63 4.63 -1.31 -14.83
CA ALA A 63 4.07 -1.75 -13.55
C ALA A 63 4.72 -3.05 -13.07
N GLU A 64 5.23 -3.83 -14.01
CA GLU A 64 5.91 -5.10 -13.71
C GLU A 64 7.15 -4.88 -12.84
N VAL A 65 7.82 -3.76 -13.05
CA VAL A 65 8.98 -3.37 -12.25
C VAL A 65 8.56 -3.04 -10.82
N ASP A 66 7.38 -2.42 -10.68
CA ASP A 66 6.82 -2.10 -9.36
C ASP A 66 6.41 -3.35 -8.59
N ILE A 67 5.90 -4.35 -9.32
CA ILE A 67 5.51 -5.63 -8.72
C ILE A 67 6.75 -6.40 -8.26
N THR A 68 7.73 -6.51 -9.15
CA THR A 68 9.00 -7.21 -8.86
C THR A 68 9.73 -6.58 -7.68
N GLY A 69 9.71 -5.26 -7.61
CA GLY A 69 10.37 -4.51 -6.53
C GLY A 69 9.73 -4.72 -5.17
N MET A 70 8.40 -4.62 -5.12
CA MET A 70 7.65 -4.74 -3.86
C MET A 70 7.60 -6.17 -3.33
N THR A 71 7.45 -7.14 -4.23
CA THR A 71 7.40 -8.55 -3.86
C THR A 71 8.72 -9.02 -3.25
N MET A 72 9.84 -8.65 -3.89
CA MET A 72 11.19 -8.96 -3.39
C MET A 72 11.48 -8.30 -2.05
N LEU A 73 10.97 -7.08 -1.86
CA LEU A 73 11.14 -6.34 -0.62
C LEU A 73 10.40 -7.00 0.53
N LEU A 74 9.10 -7.21 0.35
CA LEU A 74 8.23 -7.79 1.38
C LEU A 74 8.64 -9.21 1.77
N GLN A 75 9.12 -9.98 0.79
CA GLN A 75 9.57 -11.34 1.04
C GLN A 75 10.85 -11.36 1.87
N ASN A 76 11.70 -10.35 1.67
CA ASN A 76 12.91 -10.17 2.47
C ASN A 76 12.59 -9.70 3.90
N LEU A 77 11.41 -9.13 4.07
CA LEU A 77 10.94 -8.69 5.39
C LEU A 77 10.23 -9.81 6.15
N GLY A 78 9.97 -10.92 5.45
CA GLY A 78 9.40 -12.12 6.06
C GLY A 78 7.96 -12.42 5.68
N TYR A 79 7.40 -11.61 4.78
CA TYR A 79 6.00 -11.74 4.37
C TYR A 79 5.83 -12.65 3.16
N SER A 80 4.84 -13.53 3.23
CA SER A 80 4.44 -14.35 2.09
C SER A 80 3.52 -13.53 1.19
N VAL A 81 3.96 -13.28 -0.03
CA VAL A 81 3.28 -12.35 -0.93
C VAL A 81 2.35 -13.03 -1.93
N ASP A 82 1.08 -12.62 -1.90
CA ASP A 82 0.10 -13.02 -2.90
C ASP A 82 -0.11 -11.90 -3.90
N VAL A 83 0.15 -12.18 -5.18
CA VAL A 83 0.05 -11.18 -6.24
C VAL A 83 -1.16 -11.44 -7.12
N LYS A 84 -2.00 -10.41 -7.27
CA LYS A 84 -3.19 -10.49 -8.11
C LYS A 84 -3.16 -9.44 -9.20
N LYS A 85 -3.40 -9.87 -10.44
CA LYS A 85 -3.28 -9.01 -11.62
C LYS A 85 -4.60 -8.76 -12.31
N ASN A 86 -4.86 -7.48 -12.63
CA ASN A 86 -6.02 -7.05 -13.40
C ASN A 86 -7.37 -7.55 -12.88
N LEU A 87 -7.91 -6.85 -11.89
CA LEU A 87 -9.18 -7.21 -11.28
C LEU A 87 -10.19 -6.06 -11.27
N THR A 88 -11.47 -6.39 -11.35
CA THR A 88 -12.55 -5.41 -11.22
C THR A 88 -12.76 -5.05 -9.75
N ALA A 89 -13.58 -4.03 -9.51
CA ALA A 89 -13.93 -3.61 -8.15
C ALA A 89 -14.63 -4.72 -7.37
N SER A 90 -15.46 -5.49 -8.08
CA SER A 90 -16.16 -6.63 -7.50
C SER A 90 -15.20 -7.77 -7.17
N ASP A 91 -14.19 -7.96 -8.01
CA ASP A 91 -13.16 -8.99 -7.81
C ASP A 91 -12.18 -8.59 -6.71
N MET A 92 -11.90 -7.29 -6.60
CA MET A 92 -11.02 -6.77 -5.56
C MET A 92 -11.64 -6.86 -4.17
N THR A 93 -12.97 -6.73 -4.11
CA THR A 93 -13.72 -6.83 -2.86
C THR A 93 -13.69 -8.28 -2.32
N THR A 94 -13.90 -9.24 -3.22
CA THR A 94 -13.92 -10.66 -2.86
C THR A 94 -12.52 -11.16 -2.45
N GLU A 95 -11.50 -10.72 -3.18
CA GLU A 95 -10.12 -11.12 -2.92
C GLU A 95 -9.60 -10.58 -1.59
N LEU A 96 -10.04 -9.36 -1.24
CA LEU A 96 -9.67 -8.73 0.02
C LEU A 96 -10.43 -9.33 1.19
N GLU A 97 -11.67 -9.75 0.95
CA GLU A 97 -12.50 -10.41 1.95
C GLU A 97 -11.96 -11.81 2.25
N ALA A 98 -11.44 -12.48 1.22
CA ALA A 98 -10.84 -13.80 1.36
C ALA A 98 -9.49 -13.73 2.08
N PHE A 99 -8.78 -12.61 1.88
CA PHE A 99 -7.48 -12.39 2.50
C PHE A 99 -7.60 -12.13 4.00
N ALA A 100 -8.72 -11.53 4.42
CA ALA A 100 -8.97 -11.22 5.82
C ALA A 100 -9.28 -12.48 6.64
N HIS A 101 -9.85 -13.48 6.00
CA HIS A 101 -10.27 -14.72 6.68
C HIS A 101 -9.24 -15.85 6.55
N ARG A 102 -8.00 -15.50 6.20
CA ARG A 102 -6.91 -16.47 6.08
C ARG A 102 -6.41 -16.89 7.47
N PRO A 103 -6.21 -18.21 7.68
CA PRO A 103 -5.74 -18.74 8.95
C PRO A 103 -4.28 -18.40 9.27
N GLU A 104 -3.56 -17.87 8.27
CA GLU A 104 -2.17 -17.47 8.44
C GLU A 104 -2.02 -16.22 9.32
N HIS A 105 -3.06 -15.39 9.34
CA HIS A 105 -3.06 -14.17 10.15
C HIS A 105 -3.17 -14.44 11.65
N LYS A 106 -3.67 -15.62 12.00
CA LYS A 106 -3.77 -16.06 13.40
C LYS A 106 -2.40 -16.24 14.04
N THR A 107 -1.44 -16.74 13.26
CA THR A 107 -0.06 -16.91 13.71
C THR A 107 0.87 -15.88 13.06
N SER A 108 0.35 -14.68 12.83
CA SER A 108 1.13 -13.58 12.27
C SER A 108 1.16 -12.40 13.23
N ASP A 109 2.00 -11.42 12.95
CA ASP A 109 2.13 -10.24 13.80
C ASP A 109 1.84 -8.93 13.06
N SER A 110 1.88 -8.99 11.73
CA SER A 110 1.65 -7.81 10.87
C SER A 110 1.22 -8.22 9.46
N THR A 111 0.81 -7.24 8.66
CA THR A 111 0.43 -7.47 7.27
C THR A 111 0.66 -6.24 6.38
N PHE A 112 0.83 -6.48 5.09
CA PHE A 112 1.00 -5.42 4.10
C PHE A 112 0.00 -5.55 2.95
N LEU A 113 -0.63 -4.44 2.58
CA LEU A 113 -1.56 -4.40 1.46
C LEU A 113 -1.09 -3.37 0.44
N VAL A 114 -0.88 -3.81 -0.80
CA VAL A 114 -0.41 -2.91 -1.85
C VAL A 114 -1.40 -2.83 -3.01
N PHE A 115 -1.88 -1.62 -3.27
CA PHE A 115 -2.79 -1.36 -4.38
C PHE A 115 -2.11 -0.48 -5.42
N MET A 116 -2.13 -0.95 -6.68
CA MET A 116 -1.48 -0.22 -7.78
C MET A 116 -2.38 -0.14 -9.01
N SER A 117 -2.98 1.02 -9.23
CA SER A 117 -3.89 1.25 -10.36
C SER A 117 -4.11 2.76 -10.58
N HIS A 118 -5.02 3.09 -11.50
CA HIS A 118 -5.46 4.47 -11.69
C HIS A 118 -6.31 4.90 -10.50
N GLY A 119 -6.33 6.21 -10.23
CA GLY A 119 -7.08 6.74 -9.09
C GLY A 119 -7.90 7.97 -9.42
N ILE A 120 -9.08 8.04 -8.82
CA ILE A 120 -9.95 9.23 -8.94
C ILE A 120 -10.32 9.77 -7.55
N ARG A 121 -11.35 10.61 -7.50
CA ARG A 121 -11.81 11.22 -6.23
C ARG A 121 -12.29 10.18 -5.21
N GLU A 122 -12.95 9.13 -5.70
CA GLU A 122 -13.48 8.08 -4.83
C GLU A 122 -12.40 7.14 -4.31
N GLY A 123 -11.63 6.55 -5.22
CA GLY A 123 -10.56 5.62 -4.86
C GLY A 123 -9.91 4.90 -6.03
N ILE A 124 -9.65 3.62 -5.82
CA ILE A 124 -8.94 2.78 -6.81
C ILE A 124 -9.86 2.37 -7.96
N CYS A 125 -9.38 2.55 -9.18
CA CYS A 125 -10.11 2.15 -10.39
C CYS A 125 -9.92 0.67 -10.69
N GLY A 126 -10.95 0.06 -11.26
CA GLY A 126 -10.89 -1.34 -11.70
C GLY A 126 -10.45 -1.45 -13.16
N LYS A 127 -10.42 -2.68 -13.66
CA LYS A 127 -9.99 -2.93 -15.05
C LYS A 127 -11.07 -2.57 -16.08
N LYS A 128 -12.34 -2.71 -15.69
CA LYS A 128 -13.47 -2.39 -16.57
C LYS A 128 -14.06 -1.00 -16.28
N HIS A 129 -13.24 -0.13 -15.71
CA HIS A 129 -13.66 1.24 -15.40
C HIS A 129 -13.61 2.14 -16.62
N SER A 130 -14.68 2.88 -16.84
CA SER A 130 -14.80 3.82 -17.96
C SER A 130 -15.47 5.12 -17.52
N GLU A 131 -15.57 6.07 -18.46
CA GLU A 131 -16.24 7.35 -18.20
C GLU A 131 -17.74 7.18 -18.00
N GLN A 132 -18.34 6.30 -18.79
CA GLN A 132 -19.78 6.04 -18.72
C GLN A 132 -20.13 5.02 -17.65
N VAL A 133 -19.37 3.92 -17.60
CA VAL A 133 -19.59 2.86 -16.62
C VAL A 133 -18.46 2.87 -15.58
N PRO A 134 -18.75 3.32 -14.35
CA PRO A 134 -17.75 3.38 -13.28
C PRO A 134 -17.52 2.04 -12.60
N ASP A 135 -16.26 1.75 -12.29
CA ASP A 135 -15.88 0.54 -11.56
C ASP A 135 -14.80 0.90 -10.54
N ILE A 136 -15.23 1.35 -9.37
CA ILE A 136 -14.33 1.89 -8.35
C ILE A 136 -14.38 1.10 -7.05
N LEU A 137 -13.20 0.70 -6.57
CA LEU A 137 -13.07 0.12 -5.23
C LEU A 137 -12.78 1.25 -4.24
N GLN A 138 -13.75 1.53 -3.37
CA GLN A 138 -13.64 2.61 -2.40
C GLN A 138 -12.61 2.30 -1.32
N LEU A 139 -11.88 3.33 -0.91
CA LEU A 139 -10.83 3.21 0.10
C LEU A 139 -11.38 2.87 1.48
N ASN A 140 -12.60 3.34 1.75
CA ASN A 140 -13.29 3.08 3.02
C ASN A 140 -13.62 1.60 3.18
N ALA A 141 -13.85 0.91 2.07
CA ALA A 141 -14.16 -0.52 2.06
C ALA A 141 -12.96 -1.39 2.46
N ILE A 142 -11.76 -0.90 2.14
CA ILE A 142 -10.52 -1.60 2.47
C ILE A 142 -10.29 -1.63 3.99
N PHE A 143 -10.53 -0.48 4.63
CA PHE A 143 -10.40 -0.35 6.08
C PHE A 143 -11.48 -1.12 6.83
N ASN A 144 -12.67 -1.18 6.23
CA ASN A 144 -13.78 -1.95 6.80
C ASN A 144 -13.66 -3.46 6.57
N MET A 145 -12.65 -3.85 5.80
CA MET A 145 -12.40 -5.26 5.50
C MET A 145 -11.38 -5.86 6.46
N LEU A 146 -10.36 -5.07 6.81
CA LEU A 146 -9.29 -5.52 7.70
C LEU A 146 -9.53 -5.08 9.14
N ASN A 147 -10.66 -4.44 9.40
CA ASN A 147 -11.02 -3.98 10.74
C ASN A 147 -11.33 -5.14 11.69
N THR A 148 -11.34 -4.86 12.99
CA THR A 148 -11.49 -5.89 14.03
C THR A 148 -12.77 -6.72 13.89
N LYS A 149 -13.86 -6.08 13.47
CA LYS A 149 -15.16 -6.74 13.35
C LYS A 149 -15.19 -7.80 12.24
N ASN A 150 -14.66 -7.45 11.07
CA ASN A 150 -14.65 -8.35 9.91
C ASN A 150 -13.37 -9.17 9.80
N CYS A 151 -12.33 -8.75 10.51
CA CYS A 151 -11.05 -9.45 10.53
C CYS A 151 -10.47 -9.47 11.95
N PRO A 152 -10.93 -10.42 12.79
CA PRO A 152 -10.49 -10.52 14.18
C PRO A 152 -9.08 -11.07 14.33
N SER A 153 -8.56 -11.71 13.28
CA SER A 153 -7.23 -12.31 13.29
C SER A 153 -6.11 -11.28 13.33
N LEU A 154 -6.38 -10.09 12.81
CA LEU A 154 -5.39 -9.00 12.79
C LEU A 154 -5.67 -7.93 13.83
N LYS A 155 -6.26 -8.34 14.95
CA LYS A 155 -6.51 -7.46 16.09
C LYS A 155 -5.21 -7.16 16.83
N ASP A 156 -4.99 -5.90 17.16
CA ASP A 156 -3.77 -5.42 17.85
C ASP A 156 -2.50 -5.63 17.01
N LYS A 157 -2.68 -5.82 15.71
CA LYS A 157 -1.58 -6.07 14.79
C LYS A 157 -1.53 -4.99 13.71
N PRO A 158 -0.33 -4.40 13.47
CA PRO A 158 -0.16 -3.35 12.47
C PRO A 158 -0.61 -3.77 11.08
N LYS A 159 -1.37 -2.89 10.43
CA LYS A 159 -1.91 -3.15 9.10
C LYS A 159 -1.51 -2.02 8.14
N VAL A 160 -0.45 -2.26 7.37
CA VAL A 160 0.07 -1.26 6.44
C VAL A 160 -0.60 -1.37 5.07
N ILE A 161 -1.23 -0.28 4.65
CA ILE A 161 -1.90 -0.25 3.34
C ILE A 161 -1.24 0.79 2.43
N ILE A 162 -0.41 0.31 1.51
CA ILE A 162 0.26 1.17 0.54
C ILE A 162 -0.56 1.22 -0.75
N ILE A 163 -1.04 2.41 -1.09
CA ILE A 163 -1.84 2.61 -2.30
C ILE A 163 -1.09 3.50 -3.30
N GLN A 164 -1.15 3.13 -4.57
CA GLN A 164 -0.61 3.97 -5.64
C GLN A 164 -1.75 4.38 -6.56
N ALA A 165 -2.13 5.65 -6.50
CA ALA A 165 -3.25 6.17 -7.28
C ALA A 165 -2.88 7.46 -7.99
N ALA A 166 -2.72 7.38 -9.31
CA ALA A 166 -2.46 8.55 -10.15
C ALA A 166 -3.77 9.28 -10.43
N ARG A 167 -3.89 10.48 -9.88
CA ARG A 167 -5.11 11.28 -9.98
C ARG A 167 -5.09 12.23 -11.17
N GLY A 168 -6.28 12.60 -11.63
CA GLY A 168 -6.43 13.50 -12.78
C GLY A 168 -6.32 14.98 -12.41
N ASP A 169 -5.20 15.34 -11.80
CA ASP A 169 -4.90 16.73 -11.47
C ASP A 169 -3.46 17.08 -11.81
N SER A 170 -3.26 18.23 -12.45
CA SER A 170 -1.94 18.70 -12.88
C SER A 170 -0.89 18.56 -11.78
N PRO A 171 0.32 18.08 -12.13
CA PRO A 171 1.43 17.84 -11.20
C PRO A 171 1.43 18.82 -10.02
N GLY A 172 1.44 18.28 -8.80
CA GLY A 172 1.32 19.06 -7.58
C GLY A 172 2.48 19.99 -7.30
N VAL A 173 2.70 20.93 -8.21
CA VAL A 173 3.75 21.94 -8.07
C VAL A 173 3.27 23.32 -8.54
N VAL A 174 3.62 24.34 -7.77
CA VAL A 174 3.29 25.72 -8.10
C VAL A 174 4.53 26.60 -7.98
N TRP A 175 4.74 27.47 -8.98
CA TRP A 175 5.86 28.39 -9.00
C TRP A 175 5.58 29.60 -8.11
N PHE A 176 6.65 30.17 -7.54
CA PHE A 176 6.54 31.36 -6.70
C PHE A 176 7.72 32.31 -6.92
N LYS A 177 7.46 33.61 -6.79
CA LYS A 177 8.48 34.63 -6.96
C LYS A 177 9.28 34.81 -5.67
N ASP A 178 10.61 34.78 -5.80
CA ASP A 178 11.51 34.95 -4.67
C ASP A 178 12.74 35.78 -5.04
N ALA B 1 -15.68 -15.14 28.87
CA ALA B 1 -15.07 -13.81 29.14
C ALA B 1 -15.25 -12.85 27.97
N ILE B 2 -15.53 -11.59 28.28
CA ILE B 2 -15.76 -10.55 27.27
C ILE B 2 -14.91 -9.30 27.50
N LYS B 3 -14.50 -8.67 26.41
CA LYS B 3 -13.69 -7.45 26.47
C LYS B 3 -13.96 -6.52 25.29
N LYS B 4 -13.95 -5.23 25.55
CA LYS B 4 -14.16 -4.20 24.52
C LYS B 4 -12.93 -4.07 23.62
N ALA B 5 -13.17 -3.85 22.32
CA ALA B 5 -12.11 -3.69 21.34
C ALA B 5 -12.51 -2.72 20.24
N HIS B 6 -11.63 -1.77 19.93
CA HIS B 6 -11.86 -0.79 18.87
C HIS B 6 -12.07 -1.46 17.52
N ILE B 7 -13.08 -1.00 16.78
CA ILE B 7 -13.39 -1.56 15.45
C ILE B 7 -12.29 -1.23 14.43
N GLU B 8 -11.78 0.01 14.47
CA GLU B 8 -10.69 0.43 13.60
C GLU B 8 -9.48 0.82 14.46
N LYS B 9 -8.45 -0.01 14.41
CA LYS B 9 -7.23 0.20 15.19
C LYS B 9 -6.02 -0.44 14.51
N ASP B 10 -4.84 0.15 14.77
CA ASP B 10 -3.55 -0.36 14.27
C ASP B 10 -3.46 -0.30 12.74
N PHE B 11 -3.90 0.81 12.17
CA PHE B 11 -3.87 1.04 10.73
C PHE B 11 -2.87 2.13 10.35
N ILE B 12 -2.29 1.99 9.17
CA ILE B 12 -1.47 3.05 8.57
C ILE B 12 -1.53 2.96 7.04
N ALA B 13 -1.98 4.04 6.42
CA ALA B 13 -2.07 4.11 4.96
C ALA B 13 -1.04 5.09 4.41
N PHE B 14 -0.27 4.63 3.43
CA PHE B 14 0.75 5.44 2.79
C PHE B 14 0.50 5.48 1.29
N CYS B 15 -0.18 6.53 0.83
CA CYS B 15 -0.57 6.65 -0.56
C CYS B 15 -0.15 7.97 -1.21
N SER B 16 0.18 7.91 -2.49
CA SER B 16 0.59 9.08 -3.26
C SER B 16 -0.62 9.74 -3.92
N SER B 17 -0.93 10.96 -3.48
CA SER B 17 -2.02 11.73 -4.04
C SER B 17 -1.60 12.42 -5.35
N THR B 18 -0.29 12.68 -5.45
CA THR B 18 0.29 13.28 -6.66
C THR B 18 0.28 12.30 -7.83
N PRO B 19 0.00 12.79 -9.05
CA PRO B 19 -0.10 11.94 -10.23
C PRO B 19 1.23 11.27 -10.61
N ASP B 20 1.16 10.02 -11.04
CA ASP B 20 2.34 9.27 -11.47
C ASP B 20 2.07 8.63 -12.84
N ASN B 21 1.88 9.48 -13.84
CA ASN B 21 1.62 9.05 -15.21
C ASN B 21 2.87 8.49 -15.89
N VAL B 22 2.66 7.64 -16.89
CA VAL B 22 3.76 7.01 -17.61
C VAL B 22 4.50 8.00 -18.52
N SER B 23 5.82 7.93 -18.50
CA SER B 23 6.68 8.82 -19.27
C SER B 23 6.80 8.37 -20.73
N TRP B 24 6.97 9.34 -21.63
CA TRP B 24 7.15 9.06 -23.05
C TRP B 24 8.51 8.41 -23.32
N ARG B 25 9.56 8.98 -22.73
CA ARG B 25 10.88 8.36 -22.72
C ARG B 25 10.98 7.35 -21.59
N HIS B 26 11.46 6.15 -21.91
CA HIS B 26 11.48 5.00 -21.00
C HIS B 26 10.07 4.63 -20.53
N PRO B 27 9.31 3.92 -21.38
CA PRO B 27 7.93 3.54 -21.03
C PRO B 27 7.84 2.41 -20.01
N THR B 28 8.88 1.58 -19.95
CA THR B 28 8.92 0.43 -19.03
C THR B 28 9.65 0.75 -17.73
N MET B 29 9.90 2.05 -17.49
CA MET B 29 10.56 2.52 -16.27
C MET B 29 9.69 2.28 -15.04
N GLY B 30 10.33 1.89 -13.94
CA GLY B 30 9.63 1.71 -12.66
C GLY B 30 9.19 3.03 -12.05
N SER B 31 8.20 2.95 -11.17
CA SER B 31 7.63 4.14 -10.53
C SER B 31 8.62 4.78 -9.55
N VAL B 32 8.64 6.12 -9.56
CA VAL B 32 9.51 6.89 -8.67
C VAL B 32 9.02 6.84 -7.22
N PHE B 33 7.69 6.71 -7.06
CA PHE B 33 7.08 6.59 -5.74
C PHE B 33 7.38 5.23 -5.12
N ILE B 34 7.20 4.17 -5.90
CA ILE B 34 7.48 2.81 -5.47
C ILE B 34 8.98 2.60 -5.25
N GLY B 35 9.79 3.11 -6.19
CA GLY B 35 11.24 2.99 -6.13
C GLY B 35 11.86 3.63 -4.91
N ARG B 36 11.45 4.87 -4.61
CA ARG B 36 11.97 5.62 -3.46
C ARG B 36 11.55 4.99 -2.14
N LEU B 37 10.34 4.43 -2.12
CA LEU B 37 9.82 3.73 -0.93
C LEU B 37 10.69 2.52 -0.57
N ILE B 38 11.02 1.71 -1.57
CA ILE B 38 11.84 0.51 -1.37
C ILE B 38 13.25 0.87 -0.89
N GLU B 39 13.84 1.89 -1.50
CA GLU B 39 15.17 2.38 -1.13
C GLU B 39 15.28 2.75 0.35
N HIS B 40 14.26 3.41 0.86
CA HIS B 40 14.19 3.77 2.28
C HIS B 40 13.85 2.57 3.16
N MET B 41 13.05 1.65 2.63
CA MET B 41 12.65 0.43 3.33
C MET B 41 13.81 -0.54 3.54
N GLN B 42 14.83 -0.43 2.70
CA GLN B 42 16.00 -1.32 2.76
C GLN B 42 17.04 -0.84 3.77
N GLU B 43 17.30 0.47 3.77
CA GLU B 43 18.36 1.05 4.59
C GLU B 43 17.91 1.40 6.01
N TYR B 44 16.66 1.85 6.14
CA TYR B 44 16.14 2.34 7.42
C TYR B 44 15.19 1.35 8.12
N ALA B 45 15.26 0.09 7.71
CA ALA B 45 14.41 -0.96 8.30
C ALA B 45 14.90 -1.40 9.68
N ALA B 46 16.22 -1.39 9.87
CA ALA B 46 16.84 -1.81 11.12
C ALA B 46 17.25 -0.63 12.00
N SER B 47 16.54 0.49 11.85
CA SER B 47 16.86 1.70 12.61
C SER B 47 15.64 2.57 12.94
N ALA B 48 14.63 2.55 12.06
CA ALA B 48 13.45 3.39 12.23
C ALA B 48 12.13 2.63 12.01
N ASP B 49 11.07 3.10 12.66
CA ASP B 49 9.73 2.53 12.50
C ASP B 49 9.11 2.96 11.17
N VAL B 50 8.13 2.20 10.70
CA VAL B 50 7.49 2.43 9.39
C VAL B 50 6.90 3.84 9.21
N GLU B 51 6.29 4.36 10.28
CA GLU B 51 5.71 5.70 10.28
C GLU B 51 6.80 6.76 10.12
N GLU B 52 7.96 6.50 10.70
CA GLU B 52 9.11 7.39 10.61
C GLU B 52 9.83 7.20 9.28
N ILE B 53 9.73 6.00 8.71
CA ILE B 53 10.29 5.69 7.38
C ILE B 53 9.53 6.45 6.29
N PHE B 54 8.20 6.48 6.40
CA PHE B 54 7.35 7.23 5.46
C PHE B 54 7.68 8.72 5.47
N ARG B 55 8.09 9.22 6.63
CA ARG B 55 8.52 10.61 6.79
C ARG B 55 9.84 10.86 6.05
N LYS B 56 10.74 9.87 6.09
CA LYS B 56 12.01 9.95 5.37
C LYS B 56 11.81 9.93 3.86
N VAL B 57 10.75 9.25 3.41
CA VAL B 57 10.34 9.26 2.01
C VAL B 57 9.80 10.64 1.64
N ARG B 58 9.03 11.24 2.55
CA ARG B 58 8.50 12.59 2.39
C ARG B 58 9.60 13.65 2.41
N PHE B 59 10.61 13.43 3.24
CA PHE B 59 11.74 14.34 3.38
C PHE B 59 12.64 14.32 2.15
N SER B 60 12.73 13.17 1.50
CA SER B 60 13.53 13.01 0.29
C SER B 60 12.86 13.66 -0.94
N PHE B 61 11.55 13.79 -0.88
CA PHE B 61 10.76 14.39 -1.96
C PHE B 61 10.47 15.88 -1.72
N GLU B 62 11.18 16.48 -0.78
CA GLU B 62 10.93 17.87 -0.38
C GLU B 62 11.20 18.88 -1.50
N GLN B 63 12.26 18.63 -2.27
CA GLN B 63 12.60 19.50 -3.41
C GLN B 63 12.33 18.78 -4.74
N PRO B 64 11.39 19.32 -5.54
CA PRO B 64 11.05 18.74 -6.84
C PRO B 64 12.07 19.07 -7.91
N ASP B 65 12.51 18.05 -8.64
CA ASP B 65 13.48 18.21 -9.73
C ASP B 65 13.12 17.35 -10.94
N GLY B 66 12.75 16.10 -10.68
CA GLY B 66 12.28 15.19 -11.72
C GLY B 66 10.77 15.11 -11.69
N ARG B 67 10.25 13.97 -11.26
CA ARG B 67 8.81 13.81 -11.06
C ARG B 67 8.39 14.43 -9.74
N ALA B 68 7.35 15.27 -9.79
CA ALA B 68 6.82 15.93 -8.61
C ALA B 68 5.97 14.96 -7.79
N GLN B 69 6.52 14.52 -6.66
CA GLN B 69 5.86 13.56 -5.78
C GLN B 69 5.85 14.01 -4.33
N MET B 70 4.72 13.84 -3.67
CA MET B 70 4.57 14.11 -2.24
C MET B 70 3.45 13.23 -1.67
N PRO B 71 3.82 12.03 -1.17
CA PRO B 71 2.85 11.09 -0.62
C PRO B 71 2.31 11.52 0.74
N THR B 72 1.07 11.16 1.03
CA THR B 72 0.43 11.50 2.30
C THR B 72 0.12 10.25 3.12
N THR B 73 0.50 10.27 4.40
CA THR B 73 0.17 9.21 5.33
C THR B 73 -1.21 9.48 5.92
N GLU B 74 -2.13 8.55 5.72
CA GLU B 74 -3.53 8.74 6.10
C GLU B 74 -4.07 7.66 7.03
N ARG B 75 -5.14 8.01 7.74
CA ARG B 75 -5.78 7.15 8.75
C ARG B 75 -4.82 6.39 9.66
N VAL B 76 -3.90 7.13 10.26
CA VAL B 76 -2.94 6.55 11.21
C VAL B 76 -3.68 6.20 12.50
N THR B 77 -3.73 4.91 12.80
CA THR B 77 -4.44 4.40 13.96
C THR B 77 -3.51 3.51 14.81
N LEU B 78 -2.21 3.66 14.58
CA LEU B 78 -1.20 2.90 15.31
C LEU B 78 -0.99 3.47 16.71
N THR B 79 -1.28 2.66 17.72
CA THR B 79 -1.09 3.06 19.11
C THR B 79 0.40 3.06 19.49
N ARG B 80 1.15 2.10 18.96
CA ARG B 80 2.56 1.97 19.23
C ARG B 80 3.39 2.26 17.98
N ALA B 81 4.71 2.19 18.12
CA ALA B 81 5.62 2.33 16.97
C ALA B 81 5.95 0.95 16.42
N PHE B 82 5.74 0.76 15.10
CA PHE B 82 5.98 -0.53 14.47
C PHE B 82 7.35 -0.62 13.80
N TYR B 83 8.28 -1.30 14.47
CA TYR B 83 9.59 -1.62 13.91
C TYR B 83 9.51 -2.96 13.18
N LEU B 84 10.14 -3.02 12.00
CA LEU B 84 10.05 -4.19 11.13
C LEU B 84 10.91 -5.35 11.64
N PHE B 85 12.11 -5.04 12.13
CA PHE B 85 13.09 -6.04 12.57
C PHE B 85 13.49 -7.02 11.46
N PRO B 86 14.47 -6.65 10.63
CA PRO B 86 14.94 -7.52 9.53
C PRO B 86 15.74 -8.70 10.05
N GLY B 87 15.33 -9.91 9.66
CA GLY B 87 16.02 -11.14 10.07
C GLY B 87 15.78 -11.56 11.50
N HIS B 88 14.60 -11.21 12.02
CA HIS B 88 14.21 -11.58 13.39
C HIS B 88 12.78 -12.10 13.44
F18 F1G C . -7.71 13.76 4.88
C15 F1G C . -8.96 14.17 5.05
F16 F1G C . -8.97 15.47 5.22
F17 F1G C . -9.46 13.58 6.12
C12 F1G C . -9.77 13.80 3.84
C9 F1G C . -9.66 12.85 2.85
C10 F1G C . -10.71 13.02 2.03
N14 F1G C . -11.48 14.02 2.42
C19 F1G C . -12.74 14.65 1.93
N13 F1G C . -10.89 14.54 3.60
S11 F1G C . -10.70 11.88 0.72
C8 F1G C . -8.77 11.74 2.45
C6 F1G C . -9.28 11.20 1.32
C5 F1G C . -8.65 10.07 0.64
O7 F1G C . -9.33 9.07 0.43
N4 F1G C . -7.37 10.16 0.28
C3 F1G C . -6.78 9.29 -0.74
C2 F1G C . -5.26 9.18 -0.61
S1 F1G C . -4.79 7.45 -0.43
#